data_3K62
#
_entry.id   3K62
#
_cell.length_a   96.620
_cell.length_b   96.620
_cell.length_c   101.678
_cell.angle_alpha   90.00
_cell.angle_beta   90.00
_cell.angle_gamma   120.00
#
_symmetry.space_group_name_H-M   'P 61'
#
loop_
_entity.id
_entity.type
_entity.pdbx_description
1 polymer 'Fem-3 mRNA-binding factor 2'
2 polymer "5'-R(*UP*GP*UP*GP*UP*UP*AP*UP*C)-3'"
3 water water
#
loop_
_entity_poly.entity_id
_entity_poly.type
_entity_poly.pdbx_seq_one_letter_code
_entity_poly.pdbx_strand_id
1 'polypeptide(L)'
;SNNVLPTWSLDSNGEMRSRLSLSEVLDSGDLMKFAVDKTGCQFLEKAVKGSLTSYQKFQLFEQVIGRKDDFLKLSTNIFG
NYLVQSVIGISLATNDDGYTKRQEKLKNFISSQMTDMCLDKFACRVIQSSLQNMDLSLACKLVQALPRDARLIAICVDQN
ANHVIQKVVAVIPLKNWEFIVDFVATPEHLRQICSDKYGCRVVQTIIEKLTADSMNVDLTSAAQNLRERALQRLMTSVTN
RCQELATNEYANYIIQHIVSNDDLAVYRECIIEKCLMRNLLSLSQEKFASHVVEKAFLHAPLELLAEMMDEIFDGYIPHP
DTGKDALDIMMFHQFGNYVVQCMLTICCDAVSGRRQTKEGGYDHAISFQDWLKKLHSRVTKERHRLSRFSSGKKMIETLA
NLRSTHPIYELQ
;
A
2 'polyribonucleotide' UGUGUUAUC B
#
# COMPACT_ATOMS: atom_id res chain seq x y z
N LEU A 5 -20.64 22.35 28.37
CA LEU A 5 -22.04 21.94 28.32
C LEU A 5 -22.96 22.99 28.92
N PRO A 6 -24.12 23.23 28.29
CA PRO A 6 -25.12 24.18 28.76
C PRO A 6 -25.54 23.84 30.18
N THR A 7 -25.75 24.87 30.99
CA THR A 7 -26.05 24.67 32.39
C THR A 7 -27.31 23.83 32.61
N TRP A 8 -28.33 24.02 31.75
CA TRP A 8 -29.58 23.28 31.87
C TRP A 8 -29.36 21.76 31.88
N SER A 9 -28.25 21.32 31.30
CA SER A 9 -27.99 19.89 31.15
C SER A 9 -27.10 19.33 32.24
N LEU A 10 -26.75 20.15 33.21
CA LEU A 10 -25.84 19.76 34.29
C LEU A 10 -26.56 19.57 35.62
N ASP A 11 -26.05 18.65 36.44
CA ASP A 11 -26.59 18.46 37.78
C ASP A 11 -25.90 19.36 38.79
N SER A 12 -26.17 19.15 40.08
CA SER A 12 -25.60 19.96 41.14
C SER A 12 -24.13 19.64 41.38
N ASN A 13 -23.62 18.65 40.65
CA ASN A 13 -22.23 18.24 40.79
C ASN A 13 -21.34 18.86 39.71
N GLY A 14 -21.95 19.67 38.85
CA GLY A 14 -21.24 20.26 37.73
C GLY A 14 -20.93 19.22 36.66
N GLU A 15 -21.86 18.28 36.49
CA GLU A 15 -21.64 17.15 35.62
C GLU A 15 -22.90 16.85 34.82
N MET A 16 -22.73 16.42 33.57
CA MET A 16 -23.86 16.14 32.69
C MET A 16 -24.87 15.20 33.35
N ARG A 17 -26.13 15.64 33.40
CA ARG A 17 -27.20 14.85 33.98
C ARG A 17 -27.35 13.53 33.25
N SER A 18 -27.54 12.44 34.01
CA SER A 18 -27.96 11.19 33.39
C SER A 18 -29.47 11.27 33.26
N ARG A 19 -30.05 10.45 32.39
CA ARG A 19 -31.49 10.50 32.11
C ARG A 19 -31.85 11.63 31.15
N LEU A 20 -30.84 12.22 30.53
CA LEU A 20 -31.04 13.23 29.48
C LEU A 20 -31.62 12.53 28.25
N SER A 21 -32.54 13.19 27.53
CA SER A 21 -33.10 12.59 26.31
C SER A 21 -32.48 13.19 25.03
N LEU A 22 -32.47 12.42 23.95
CA LEU A 22 -31.97 12.93 22.70
C LEU A 22 -32.80 14.12 22.26
N SER A 23 -34.12 14.02 22.40
CA SER A 23 -35.00 15.11 21.94
C SER A 23 -34.78 16.43 22.70
N GLU A 24 -34.51 16.34 24.01
CA GLU A 24 -34.15 17.55 24.77
C GLU A 24 -32.93 18.26 24.16
N VAL A 25 -31.90 17.49 23.85
CA VAL A 25 -30.71 18.06 23.23
C VAL A 25 -31.00 18.63 21.84
N LEU A 26 -31.72 17.87 21.03
CA LEU A 26 -32.08 18.33 19.69
C LEU A 26 -32.93 19.61 19.74
N ASP A 27 -33.87 19.67 20.67
CA ASP A 27 -34.77 20.82 20.78
C ASP A 27 -34.07 22.08 21.29
N SER A 28 -33.02 21.89 22.07
CA SER A 28 -32.39 22.97 22.84
C SER A 28 -31.60 23.96 22.00
N GLY A 29 -31.16 23.51 20.83
CA GLY A 29 -30.27 24.30 20.00
C GLY A 29 -28.82 24.21 20.45
N ASP A 30 -28.54 23.36 21.43
CA ASP A 30 -27.20 23.25 21.99
C ASP A 30 -26.40 22.04 21.50
N LEU A 31 -26.90 21.34 20.50
CA LEU A 31 -26.20 20.12 20.05
C LEU A 31 -24.70 20.34 19.81
N MET A 32 -24.32 21.46 19.23
CA MET A 32 -22.91 21.67 18.88
C MET A 32 -22.02 21.70 20.14
N LYS A 33 -22.57 22.08 21.29
CA LYS A 33 -21.81 22.01 22.53
C LYS A 33 -21.63 20.57 23.03
N PHE A 34 -22.66 19.75 22.88
CA PHE A 34 -22.54 18.34 23.25
C PHE A 34 -21.60 17.55 22.32
N ALA A 35 -21.68 17.84 21.03
CA ALA A 35 -20.97 17.05 20.02
C ALA A 35 -19.45 17.21 20.08
N VAL A 36 -18.98 18.33 20.63
CA VAL A 36 -17.53 18.53 20.77
C VAL A 36 -16.99 18.25 22.18
N ASP A 37 -17.84 17.68 23.03
CA ASP A 37 -17.48 17.35 24.40
C ASP A 37 -17.40 15.82 24.50
N LYS A 38 -16.39 15.30 25.19
CA LYS A 38 -16.24 13.84 25.26
C LYS A 38 -17.52 13.15 25.76
N THR A 39 -17.99 13.57 26.93
CA THR A 39 -19.18 12.97 27.55
C THR A 39 -20.44 13.23 26.76
N GLY A 40 -20.58 14.45 26.26
CA GLY A 40 -21.76 14.82 25.48
C GLY A 40 -21.84 14.04 24.19
N CYS A 41 -20.71 13.87 23.52
CA CYS A 41 -20.71 13.18 22.23
C CYS A 41 -20.93 11.68 22.41
N GLN A 42 -20.39 11.15 23.50
CA GLN A 42 -20.61 9.75 23.86
C GLN A 42 -22.11 9.49 24.00
N PHE A 43 -22.81 10.40 24.67
CA PHE A 43 -24.25 10.30 24.82
C PHE A 43 -24.97 10.35 23.45
N LEU A 44 -24.66 11.36 22.64
CA LEU A 44 -25.27 11.46 21.30
C LEU A 44 -25.01 10.21 20.47
N GLU A 45 -23.77 9.71 20.51
CA GLU A 45 -23.38 8.54 19.71
C GLU A 45 -24.21 7.31 20.07
N LYS A 46 -24.47 7.11 21.36
CA LYS A 46 -25.27 5.97 21.80
C LYS A 46 -26.72 6.22 21.45
N ALA A 47 -27.17 7.45 21.69
CA ALA A 47 -28.56 7.80 21.42
C ALA A 47 -28.93 7.59 19.95
N VAL A 48 -28.02 7.91 19.02
CA VAL A 48 -28.39 7.81 17.60
C VAL A 48 -28.31 6.40 17.02
N LYS A 49 -27.85 5.44 17.82
CA LYS A 49 -27.85 4.03 17.40
C LYS A 49 -29.17 3.34 17.73
N GLY A 50 -30.05 4.02 18.46
CA GLY A 50 -31.31 3.41 18.88
C GLY A 50 -32.44 3.73 17.92
N SER A 51 -33.66 3.47 18.34
CA SER A 51 -34.83 3.82 17.53
C SER A 51 -34.89 5.34 17.43
N LEU A 52 -35.06 5.85 16.21
CA LEU A 52 -35.27 7.27 16.03
C LEU A 52 -36.59 7.51 15.32
N THR A 53 -37.36 8.50 15.79
CA THR A 53 -38.56 8.94 15.08
C THR A 53 -38.12 9.78 13.90
N SER A 54 -39.02 9.92 12.93
CA SER A 54 -38.79 10.76 11.77
C SER A 54 -38.27 12.15 12.15
N TYR A 55 -38.90 12.80 13.12
CA TYR A 55 -38.49 14.16 13.44
C TYR A 55 -37.12 14.19 14.09
N GLN A 56 -36.79 13.21 14.93
CA GLN A 56 -35.44 13.15 15.49
C GLN A 56 -34.38 13.05 14.39
N LYS A 57 -34.64 12.20 13.40
CA LYS A 57 -33.73 12.12 12.25
C LYS A 57 -33.65 13.47 11.53
N PHE A 58 -34.81 14.08 11.30
CA PHE A 58 -34.87 15.38 10.62
C PHE A 58 -33.96 16.41 11.28
N GLN A 59 -34.05 16.48 12.61
CA GLN A 59 -33.26 17.42 13.39
C GLN A 59 -31.78 17.11 13.31
N LEU A 60 -31.43 15.83 13.43
CA LEU A 60 -30.04 15.41 13.28
C LEU A 60 -29.51 15.76 11.88
N PHE A 61 -30.32 15.52 10.85
CA PHE A 61 -29.91 15.86 9.48
C PHE A 61 -29.59 17.37 9.36
N GLU A 62 -30.46 18.19 9.95
CA GLU A 62 -30.33 19.63 9.87
C GLU A 62 -29.12 20.12 10.66
N GLN A 63 -28.95 19.57 11.85
CA GLN A 63 -27.97 20.11 12.80
C GLN A 63 -26.55 19.55 12.63
N VAL A 64 -26.44 18.32 12.12
CA VAL A 64 -25.14 17.66 12.02
C VAL A 64 -24.58 17.71 10.60
N ILE A 65 -25.44 17.49 9.60
CA ILE A 65 -24.96 17.47 8.23
C ILE A 65 -25.70 18.45 7.32
N GLY A 66 -26.37 19.42 7.93
CA GLY A 66 -27.29 20.30 7.21
C GLY A 66 -26.70 21.66 6.85
N ARG A 67 -25.77 22.13 7.66
CA ARG A 67 -25.15 23.42 7.36
C ARG A 67 -23.65 23.27 7.27
N LYS A 68 -23.06 23.93 6.28
CA LYS A 68 -21.66 23.74 5.95
C LYS A 68 -20.70 24.01 7.11
N ASP A 69 -20.86 25.13 7.81
CA ASP A 69 -19.89 25.46 8.87
C ASP A 69 -19.92 24.44 9.99
N ASP A 70 -21.10 24.11 10.47
CA ASP A 70 -21.22 23.13 11.56
C ASP A 70 -20.77 21.72 11.12
N PHE A 71 -21.11 21.35 9.89
CA PHE A 71 -20.65 20.08 9.33
C PHE A 71 -19.12 19.98 9.36
N LEU A 72 -18.46 21.05 8.93
CA LEU A 72 -16.99 21.09 8.91
C LEU A 72 -16.41 21.10 10.32
N LYS A 73 -17.05 21.86 11.20
CA LYS A 73 -16.58 21.93 12.58
C LYS A 73 -16.63 20.57 13.27
N LEU A 74 -17.71 19.83 13.05
CA LEU A 74 -17.81 18.49 13.67
C LEU A 74 -16.91 17.49 12.94
N SER A 75 -16.83 17.61 11.62
CA SER A 75 -16.03 16.65 10.84
C SER A 75 -14.55 16.70 11.23
N THR A 76 -14.08 17.89 11.61
CA THR A 76 -12.67 18.09 11.96
C THR A 76 -12.46 17.99 13.48
N ASN A 77 -13.47 17.51 14.18
CA ASN A 77 -13.39 17.42 15.64
C ASN A 77 -13.11 16.00 16.11
N ILE A 78 -12.29 15.89 17.15
CA ILE A 78 -11.85 14.59 17.68
C ILE A 78 -13.02 13.68 18.07
N PHE A 79 -14.08 14.28 18.62
CA PHE A 79 -15.25 13.50 19.00
C PHE A 79 -16.33 13.59 17.91
N GLY A 80 -16.56 14.80 17.42
CA GLY A 80 -17.66 15.06 16.51
C GLY A 80 -17.63 14.26 15.22
N ASN A 81 -16.43 13.87 14.77
CA ASN A 81 -16.34 13.19 13.47
C ASN A 81 -17.10 11.87 13.49
N TYR A 82 -17.14 11.24 14.67
CA TYR A 82 -17.90 10.00 14.85
C TYR A 82 -19.39 10.22 14.69
N LEU A 83 -19.89 11.30 15.29
CA LEU A 83 -21.30 11.64 15.17
C LEU A 83 -21.65 11.97 13.72
N VAL A 84 -20.75 12.68 13.04
CA VAL A 84 -21.00 12.99 11.63
C VAL A 84 -21.14 11.70 10.82
N GLN A 85 -20.24 10.76 11.04
CA GLN A 85 -20.31 9.50 10.32
C GLN A 85 -21.60 8.73 10.60
N SER A 86 -22.02 8.72 11.88
CA SER A 86 -23.26 8.04 12.25
C SER A 86 -24.46 8.68 11.57
N VAL A 87 -24.49 10.01 11.54
CA VAL A 87 -25.62 10.72 10.93
C VAL A 87 -25.63 10.57 9.41
N ILE A 88 -24.45 10.54 8.78
CA ILE A 88 -24.43 10.22 7.35
C ILE A 88 -25.07 8.83 7.09
N GLY A 89 -24.75 7.86 7.93
CA GLY A 89 -25.31 6.52 7.79
C GLY A 89 -26.83 6.51 7.91
N ILE A 90 -27.34 7.22 8.90
CA ILE A 90 -28.78 7.33 9.08
C ILE A 90 -29.43 8.05 7.90
N SER A 91 -28.78 9.10 7.42
CA SER A 91 -29.27 9.81 6.23
C SER A 91 -29.41 8.86 5.02
N LEU A 92 -28.38 8.06 4.78
CA LEU A 92 -28.40 7.12 3.65
C LEU A 92 -29.44 6.03 3.85
N ALA A 93 -29.79 5.72 5.08
CA ALA A 93 -30.79 4.67 5.36
C ALA A 93 -32.24 5.20 5.33
N THR A 94 -32.41 6.52 5.23
CA THR A 94 -33.74 7.11 5.33
C THR A 94 -34.22 7.64 3.99
N ASN A 95 -35.02 6.81 3.32
CA ASN A 95 -35.49 7.09 1.96
C ASN A 95 -36.77 7.91 1.86
N ASP A 96 -36.83 9.01 2.58
CA ASP A 96 -37.94 9.93 2.43
C ASP A 96 -37.66 10.92 1.31
N ASP A 97 -38.57 11.88 1.14
CA ASP A 97 -38.49 12.83 0.05
C ASP A 97 -37.25 13.73 0.12
N GLY A 98 -36.64 13.83 1.30
CA GLY A 98 -35.48 14.68 1.49
C GLY A 98 -34.14 14.01 1.14
N TYR A 99 -34.19 12.72 0.83
CA TYR A 99 -32.98 11.91 0.64
C TYR A 99 -32.04 12.57 -0.35
N THR A 100 -32.52 12.80 -1.56
CA THR A 100 -31.66 13.32 -2.63
C THR A 100 -30.97 14.62 -2.25
N LYS A 101 -31.73 15.57 -1.72
CA LYS A 101 -31.19 16.86 -1.36
C LYS A 101 -30.14 16.76 -0.25
N ARG A 102 -30.39 15.90 0.75
CA ARG A 102 -29.40 15.70 1.80
C ARG A 102 -28.06 15.15 1.26
N GLN A 103 -28.13 14.20 0.34
CA GLN A 103 -26.89 13.59 -0.15
C GLN A 103 -26.15 14.53 -1.08
N GLU A 104 -26.89 15.32 -1.84
CA GLU A 104 -26.30 16.29 -2.74
C GLU A 104 -25.57 17.36 -1.92
N LYS A 105 -26.22 17.80 -0.85
CA LYS A 105 -25.64 18.75 0.09
C LYS A 105 -24.32 18.22 0.65
N LEU A 106 -24.35 16.98 1.10
CA LEU A 106 -23.17 16.37 1.70
C LEU A 106 -22.04 16.33 0.66
N LYS A 107 -22.37 15.92 -0.55
CA LYS A 107 -21.41 15.91 -1.66
C LYS A 107 -20.82 17.31 -1.91
N ASN A 108 -21.67 18.34 -1.90
CA ASN A 108 -21.21 19.71 -2.12
C ASN A 108 -20.32 20.24 -0.99
N PHE A 109 -20.68 19.93 0.25
CA PHE A 109 -19.90 20.36 1.41
C PHE A 109 -18.49 19.79 1.35
N ILE A 110 -18.41 18.48 1.14
CA ILE A 110 -17.12 17.78 1.11
C ILE A 110 -16.29 18.23 -0.09
N SER A 111 -16.91 18.27 -1.27
CA SER A 111 -16.16 18.60 -2.50
C SER A 111 -15.52 19.96 -2.37
N SER A 112 -16.28 20.91 -1.85
CA SER A 112 -15.84 22.30 -1.76
C SER A 112 -14.64 22.48 -0.84
N GLN A 113 -14.41 21.49 0.03
CA GLN A 113 -13.30 21.56 0.99
C GLN A 113 -12.46 20.28 0.95
N MET A 114 -12.42 19.63 -0.22
CA MET A 114 -11.83 18.29 -0.32
C MET A 114 -10.40 18.18 0.23
N THR A 115 -9.51 19.06 -0.21
CA THR A 115 -8.10 18.94 0.20
C THR A 115 -7.93 19.13 1.70
N ASP A 116 -8.56 20.19 2.23
CA ASP A 116 -8.52 20.48 3.66
C ASP A 116 -9.04 19.31 4.49
N MET A 117 -10.17 18.73 4.07
CA MET A 117 -10.71 17.58 4.80
C MET A 117 -9.80 16.34 4.70
N CYS A 118 -9.24 16.08 3.53
CA CYS A 118 -8.36 14.90 3.39
C CYS A 118 -7.15 15.02 4.31
N LEU A 119 -6.59 16.21 4.44
CA LEU A 119 -5.38 16.40 5.22
C LEU A 119 -5.64 16.38 6.73
N ASP A 120 -6.91 16.51 7.13
CA ASP A 120 -7.26 16.58 8.54
C ASP A 120 -7.34 15.18 9.14
N LYS A 121 -6.75 14.99 10.33
CA LYS A 121 -6.72 13.67 10.98
C LYS A 121 -8.11 13.07 11.20
N PHE A 122 -9.08 13.93 11.51
CA PHE A 122 -10.45 13.48 11.77
C PHE A 122 -11.37 13.54 10.56
N ALA A 123 -11.31 14.62 9.80
CA ALA A 123 -12.22 14.74 8.65
C ALA A 123 -11.88 13.71 7.56
N CYS A 124 -10.63 13.23 7.53
CA CYS A 124 -10.29 12.23 6.52
C CYS A 124 -11.07 10.95 6.77
N ARG A 125 -11.47 10.74 8.02
CA ARG A 125 -12.30 9.58 8.36
C ARG A 125 -13.73 9.72 7.81
N VAL A 126 -14.25 10.95 7.90
CA VAL A 126 -15.54 11.28 7.29
C VAL A 126 -15.49 11.05 5.77
N ILE A 127 -14.40 11.45 5.14
CA ILE A 127 -14.25 11.23 3.70
C ILE A 127 -14.25 9.74 3.35
N GLN A 128 -13.46 8.96 4.08
CA GLN A 128 -13.37 7.53 3.76
C GLN A 128 -14.71 6.82 3.94
N SER A 129 -15.42 7.14 5.01
CA SER A 129 -16.68 6.41 5.19
C SER A 129 -17.70 6.85 4.15
N SER A 130 -17.66 8.12 3.75
CA SER A 130 -18.53 8.59 2.69
C SER A 130 -18.26 7.90 1.35
N LEU A 131 -16.98 7.74 1.00
CA LEU A 131 -16.59 7.07 -0.24
C LEU A 131 -17.15 5.66 -0.35
N GLN A 132 -17.18 4.94 0.77
CA GLN A 132 -17.61 3.54 0.69
C GLN A 132 -19.10 3.34 0.94
N ASN A 133 -19.74 4.32 1.56
CA ASN A 133 -21.16 4.18 1.92
C ASN A 133 -22.15 4.93 1.04
N MET A 134 -21.74 6.09 0.50
CA MET A 134 -22.67 6.90 -0.29
C MET A 134 -23.01 6.15 -1.57
N ASP A 135 -24.12 6.53 -2.21
CA ASP A 135 -24.44 5.99 -3.52
C ASP A 135 -23.21 6.18 -4.40
N LEU A 136 -22.89 5.18 -5.22
CA LEU A 136 -21.63 5.23 -5.97
C LEU A 136 -21.51 6.46 -6.85
N SER A 137 -22.59 6.81 -7.53
CA SER A 137 -22.56 7.96 -8.42
C SER A 137 -22.16 9.23 -7.67
N LEU A 138 -22.60 9.37 -6.43
CA LEU A 138 -22.19 10.53 -5.64
C LEU A 138 -20.76 10.40 -5.09
N ALA A 139 -20.38 9.19 -4.67
CA ALA A 139 -19.00 8.96 -4.25
C ALA A 139 -18.01 9.29 -5.36
N CYS A 140 -18.36 8.94 -6.61
CA CYS A 140 -17.49 9.26 -7.74
C CYS A 140 -17.26 10.78 -7.85
N LYS A 141 -18.28 11.56 -7.52
CA LYS A 141 -18.15 13.02 -7.55
C LYS A 141 -17.16 13.55 -6.52
N LEU A 142 -17.08 12.90 -5.36
CA LEU A 142 -16.06 13.28 -4.36
C LEU A 142 -14.66 13.10 -4.92
N VAL A 143 -14.46 12.00 -5.62
CA VAL A 143 -13.16 11.71 -6.21
C VAL A 143 -12.77 12.80 -7.20
N GLN A 144 -13.76 13.25 -7.96
CA GLN A 144 -13.56 14.31 -8.93
C GLN A 144 -13.05 15.60 -8.26
N ALA A 145 -13.38 15.78 -6.98
CA ALA A 145 -12.99 16.98 -6.23
C ALA A 145 -11.54 16.94 -5.72
N LEU A 146 -10.87 15.80 -5.85
CA LEU A 146 -9.46 15.74 -5.47
C LEU A 146 -8.68 16.74 -6.35
N PRO A 147 -7.67 17.37 -5.75
CA PRO A 147 -6.84 18.36 -6.47
C PRO A 147 -5.95 17.64 -7.49
N ARG A 148 -5.48 18.38 -8.48
CA ARG A 148 -4.69 17.79 -9.56
C ARG A 148 -3.29 18.38 -9.60
N ASP A 149 -2.96 19.21 -8.63
CA ASP A 149 -1.68 19.90 -8.63
C ASP A 149 -0.80 19.41 -7.48
N ALA A 150 0.12 20.26 -7.05
CA ALA A 150 1.03 19.92 -5.95
C ALA A 150 0.31 19.42 -4.71
N ARG A 151 -0.93 19.86 -4.50
CA ARG A 151 -1.70 19.38 -3.34
C ARG A 151 -1.94 17.87 -3.39
N LEU A 152 -1.95 17.28 -4.58
CA LEU A 152 -2.18 15.84 -4.68
C LEU A 152 -0.97 15.06 -4.17
N ILE A 153 0.22 15.58 -4.42
CA ILE A 153 1.42 15.00 -3.84
C ILE A 153 1.31 15.09 -2.32
N ALA A 154 0.92 16.25 -1.82
CA ALA A 154 0.79 16.46 -0.38
C ALA A 154 -0.18 15.44 0.25
N ILE A 155 -1.27 15.18 -0.46
CA ILE A 155 -2.24 14.20 0.04
C ILE A 155 -1.63 12.81 0.06
N CYS A 156 -0.96 12.43 -1.03
CA CYS A 156 -0.34 11.10 -1.15
C CYS A 156 0.72 10.80 -0.09
N VAL A 157 1.44 11.81 0.39
CA VAL A 157 2.49 11.56 1.38
C VAL A 157 2.10 11.90 2.81
N ASP A 158 0.84 12.29 3.01
CA ASP A 158 0.36 12.66 4.33
C ASP A 158 0.02 11.43 5.17
N GLN A 159 0.37 11.45 6.46
CA GLN A 159 0.11 10.32 7.36
C GLN A 159 -1.39 9.97 7.46
N ASN A 160 -2.25 10.98 7.34
CA ASN A 160 -3.71 10.78 7.34
C ASN A 160 -4.26 10.58 5.95
N ALA A 161 -3.95 11.54 5.09
CA ALA A 161 -4.62 11.64 3.80
C ALA A 161 -4.30 10.50 2.85
N ASN A 162 -3.15 9.85 3.03
CA ASN A 162 -2.81 8.77 2.12
C ASN A 162 -3.92 7.71 2.18
N HIS A 163 -4.57 7.58 3.33
CA HIS A 163 -5.62 6.57 3.48
C HIS A 163 -6.89 6.92 2.68
N VAL A 164 -7.06 8.19 2.38
CA VAL A 164 -8.16 8.57 1.49
C VAL A 164 -7.88 8.03 0.10
N ILE A 165 -6.65 8.19 -0.38
CA ILE A 165 -6.34 7.68 -1.73
C ILE A 165 -6.47 6.17 -1.77
N GLN A 166 -5.99 5.48 -0.73
CA GLN A 166 -6.13 4.03 -0.67
C GLN A 166 -7.59 3.59 -0.62
N LYS A 167 -8.44 4.35 0.05
CA LYS A 167 -9.89 4.04 0.03
C LYS A 167 -10.50 4.24 -1.36
N VAL A 168 -10.14 5.32 -2.03
CA VAL A 168 -10.64 5.55 -3.38
C VAL A 168 -10.30 4.36 -4.25
N VAL A 169 -9.05 3.95 -4.20
CA VAL A 169 -8.59 2.81 -4.99
C VAL A 169 -9.41 1.54 -4.70
N ALA A 170 -9.79 1.37 -3.43
CA ALA A 170 -10.50 0.16 -3.01
C ALA A 170 -11.96 0.13 -3.44
N VAL A 171 -12.65 1.26 -3.36
CA VAL A 171 -14.11 1.23 -3.50
C VAL A 171 -14.72 2.00 -4.69
N ILE A 172 -13.88 2.56 -5.55
CA ILE A 172 -14.34 3.37 -6.70
C ILE A 172 -13.83 2.79 -8.01
N PRO A 173 -14.66 2.74 -9.06
CA PRO A 173 -14.10 2.14 -10.28
C PRO A 173 -12.96 2.98 -10.88
N LEU A 174 -12.04 2.29 -11.55
CA LEU A 174 -10.79 2.89 -12.01
C LEU A 174 -10.99 4.13 -12.88
N LYS A 175 -12.02 4.14 -13.70
CA LYS A 175 -12.16 5.25 -14.66
C LYS A 175 -12.18 6.58 -13.91
N ASN A 176 -12.81 6.60 -12.73
CA ASN A 176 -12.86 7.80 -11.90
C ASN A 176 -11.52 8.28 -11.32
N TRP A 177 -10.60 7.37 -11.06
CA TRP A 177 -9.32 7.76 -10.48
C TRP A 177 -8.13 7.49 -11.38
N GLU A 178 -8.40 7.22 -12.65
CA GLU A 178 -7.33 6.98 -13.60
C GLU A 178 -6.37 8.17 -13.62
N PHE A 179 -6.90 9.38 -13.43
CA PHE A 179 -6.08 10.57 -13.36
C PHE A 179 -4.99 10.50 -12.28
N ILE A 180 -5.26 9.78 -11.21
CA ILE A 180 -4.24 9.63 -10.16
C ILE A 180 -3.10 8.76 -10.65
N VAL A 181 -3.44 7.70 -11.37
CA VAL A 181 -2.42 6.84 -11.96
C VAL A 181 -1.47 7.63 -12.86
N ASP A 182 -2.04 8.43 -13.74
CA ASP A 182 -1.22 9.23 -14.66
C ASP A 182 -0.45 10.32 -13.90
N PHE A 183 -1.08 10.93 -12.90
CA PHE A 183 -0.39 11.88 -12.04
C PHE A 183 0.85 11.27 -11.38
N VAL A 184 0.66 10.13 -10.75
CA VAL A 184 1.74 9.43 -10.05
C VAL A 184 2.81 8.97 -11.02
N ALA A 185 2.41 8.64 -12.25
CA ALA A 185 3.39 8.15 -13.22
C ALA A 185 4.27 9.24 -13.82
N THR A 186 3.94 10.51 -13.59
CA THR A 186 4.81 11.58 -14.08
C THR A 186 6.15 11.45 -13.35
N PRO A 187 7.26 11.45 -14.11
CA PRO A 187 8.59 11.15 -13.57
C PRO A 187 8.89 11.85 -12.25
N GLU A 188 8.65 13.16 -12.17
CA GLU A 188 8.98 13.91 -10.97
C GLU A 188 8.05 13.55 -9.82
N HIS A 189 6.79 13.30 -10.13
CA HIS A 189 5.84 12.87 -9.11
C HIS A 189 6.16 11.47 -8.58
N LEU A 190 6.49 10.57 -9.48
CA LEU A 190 6.85 9.21 -9.11
C LEU A 190 8.02 9.21 -8.14
N ARG A 191 9.03 10.01 -8.45
CA ARG A 191 10.21 10.11 -7.61
C ARG A 191 9.86 10.55 -6.19
N GLN A 192 9.11 11.64 -6.08
CA GLN A 192 8.73 12.19 -4.78
C GLN A 192 7.87 11.23 -3.98
N ILE A 193 6.83 10.72 -4.62
CA ILE A 193 5.84 9.91 -3.93
C ILE A 193 6.42 8.55 -3.50
N CYS A 194 7.18 7.92 -4.39
CA CYS A 194 7.73 6.58 -4.10
C CYS A 194 8.81 6.59 -3.04
N SER A 195 9.48 7.74 -2.90
CA SER A 195 10.56 7.92 -1.96
C SER A 195 10.07 8.40 -0.60
N ASP A 196 8.77 8.28 -0.38
CA ASP A 196 8.15 8.68 0.87
C ASP A 196 7.53 7.48 1.56
N LYS A 197 7.61 7.46 2.88
CA LYS A 197 7.08 6.37 3.70
C LYS A 197 5.62 6.04 3.37
N TYR A 198 4.77 7.07 3.33
CA TYR A 198 3.36 6.85 3.04
C TYR A 198 3.09 6.79 1.55
N GLY A 199 3.76 7.62 0.78
CA GLY A 199 3.55 7.64 -0.66
C GLY A 199 3.85 6.27 -1.24
N CYS A 200 4.90 5.61 -0.73
CA CYS A 200 5.24 4.29 -1.28
C CYS A 200 4.11 3.27 -1.06
N ARG A 201 3.46 3.35 0.10
CA ARG A 201 2.29 2.51 0.38
C ARG A 201 1.12 2.79 -0.58
N VAL A 202 0.93 4.07 -0.92
CA VAL A 202 -0.12 4.42 -1.87
C VAL A 202 0.15 3.78 -3.24
N VAL A 203 1.39 3.90 -3.70
CA VAL A 203 1.73 3.36 -5.02
C VAL A 203 1.59 1.83 -5.02
N GLN A 204 1.99 1.16 -3.94
CA GLN A 204 1.82 -0.30 -3.91
C GLN A 204 0.35 -0.71 -3.96
N THR A 205 -0.48 0.00 -3.22
CA THR A 205 -1.93 -0.24 -3.27
C THR A 205 -2.52 -0.04 -4.67
N ILE A 206 -2.07 1.00 -5.36
CA ILE A 206 -2.51 1.22 -6.75
C ILE A 206 -2.08 0.05 -7.65
N ILE A 207 -0.83 -0.37 -7.53
CA ILE A 207 -0.35 -1.48 -8.34
C ILE A 207 -1.18 -2.75 -8.08
N GLU A 208 -1.45 -3.03 -6.80
CA GLU A 208 -2.26 -4.19 -6.43
C GLU A 208 -3.64 -4.16 -7.07
N LYS A 209 -4.26 -2.99 -7.09
CA LYS A 209 -5.59 -2.85 -7.67
C LYS A 209 -5.55 -2.98 -9.19
N LEU A 210 -4.44 -2.58 -9.81
CA LEU A 210 -4.27 -2.68 -11.26
C LEU A 210 -3.76 -4.06 -11.73
N THR A 211 -3.62 -4.99 -10.81
CA THR A 211 -3.12 -6.32 -11.15
C THR A 211 -4.28 -7.25 -11.53
N ALA A 212 -4.10 -8.01 -12.61
CA ALA A 212 -5.14 -8.96 -13.04
C ALA A 212 -5.07 -10.23 -12.22
N ASP A 213 -5.44 -10.15 -10.95
CA ASP A 213 -5.34 -11.33 -10.09
C ASP A 213 -6.72 -11.87 -9.74
N SER A 214 -6.78 -12.82 -8.82
CA SER A 214 -8.04 -13.49 -8.51
C SER A 214 -9.07 -12.51 -7.94
N MET A 215 -8.61 -11.40 -7.38
CA MET A 215 -9.51 -10.39 -6.84
C MET A 215 -10.20 -9.52 -7.89
N ASN A 216 -9.71 -9.55 -9.14
CA ASN A 216 -10.31 -8.73 -10.20
C ASN A 216 -11.10 -9.54 -11.22
N VAL A 217 -11.40 -10.79 -10.95
CA VAL A 217 -12.11 -11.59 -11.96
C VAL A 217 -13.54 -11.12 -12.24
N ASP A 218 -14.08 -10.27 -11.36
CA ASP A 218 -15.41 -9.71 -11.56
C ASP A 218 -15.47 -8.53 -12.53
N LEU A 219 -14.31 -8.04 -12.97
CA LEU A 219 -14.29 -6.92 -13.93
C LEU A 219 -14.84 -7.38 -15.29
N THR A 220 -15.57 -6.50 -15.98
CA THR A 220 -15.92 -6.76 -17.37
C THR A 220 -14.65 -6.74 -18.22
N SER A 221 -14.70 -7.30 -19.42
CA SER A 221 -13.50 -7.29 -20.27
C SER A 221 -13.12 -5.86 -20.66
N ALA A 222 -14.11 -4.98 -20.80
CA ALA A 222 -13.80 -3.58 -21.09
C ALA A 222 -13.04 -2.95 -19.91
N ALA A 223 -13.46 -3.27 -18.70
CA ALA A 223 -12.79 -2.75 -17.52
C ALA A 223 -11.38 -3.34 -17.37
N GLN A 224 -11.20 -4.60 -17.81
CA GLN A 224 -9.88 -5.23 -17.76
C GLN A 224 -8.95 -4.51 -18.73
N ASN A 225 -9.50 -4.06 -19.85
CA ASN A 225 -8.67 -3.37 -20.84
C ASN A 225 -8.22 -2.03 -20.30
N LEU A 226 -9.14 -1.33 -19.66
CA LEU A 226 -8.81 -0.07 -19.01
C LEU A 226 -7.72 -0.29 -17.98
N ARG A 227 -7.89 -1.31 -17.16
CA ARG A 227 -6.91 -1.64 -16.13
C ARG A 227 -5.55 -1.98 -16.75
N GLU A 228 -5.55 -2.81 -17.78
CA GLU A 228 -4.29 -3.26 -18.37
C GLU A 228 -3.49 -2.08 -18.90
N ARG A 229 -4.18 -1.12 -19.51
CA ARG A 229 -3.53 0.05 -20.06
C ARG A 229 -2.96 0.96 -18.97
N ALA A 230 -3.74 1.17 -17.92
CA ALA A 230 -3.25 1.95 -16.79
C ALA A 230 -2.04 1.28 -16.12
N LEU A 231 -2.10 -0.03 -15.98
CA LEU A 231 -0.96 -0.76 -15.39
C LEU A 231 0.26 -0.58 -16.27
N GLN A 232 0.08 -0.73 -17.57
CA GLN A 232 1.20 -0.65 -18.51
C GLN A 232 1.85 0.73 -18.48
N ARG A 233 1.04 1.77 -18.34
CA ARG A 233 1.58 3.13 -18.25
C ARG A 233 2.36 3.35 -16.95
N LEU A 234 1.83 2.84 -15.85
CA LEU A 234 2.52 2.99 -14.56
C LEU A 234 3.80 2.18 -14.55
N MET A 235 3.74 0.97 -15.08
CA MET A 235 4.93 0.12 -15.11
C MET A 235 6.03 0.71 -16.00
N THR A 236 5.63 1.37 -17.07
CA THR A 236 6.63 2.02 -17.91
C THR A 236 7.42 3.05 -17.10
N SER A 237 6.72 3.87 -16.31
CA SER A 237 7.38 4.88 -15.48
C SER A 237 8.24 4.27 -14.38
N VAL A 238 7.74 3.22 -13.75
CA VAL A 238 8.53 2.53 -12.72
C VAL A 238 9.79 1.93 -13.33
N THR A 239 9.62 1.29 -14.48
CA THR A 239 10.77 0.66 -15.14
C THR A 239 11.82 1.69 -15.57
N ASN A 240 11.36 2.87 -16.02
CA ASN A 240 12.26 3.95 -16.40
C ASN A 240 13.12 4.49 -15.23
N ARG A 241 12.63 4.30 -14.01
CA ARG A 241 13.34 4.78 -12.82
C ARG A 241 13.76 3.63 -11.92
N CYS A 242 13.80 2.43 -12.47
CA CYS A 242 14.03 1.21 -11.71
C CYS A 242 15.25 1.29 -10.77
N GLN A 243 16.39 1.73 -11.30
CA GLN A 243 17.62 1.80 -10.50
C GLN A 243 17.43 2.70 -9.27
N GLU A 244 16.88 3.88 -9.50
CA GLU A 244 16.64 4.84 -8.41
C GLU A 244 15.68 4.26 -7.38
N LEU A 245 14.63 3.60 -7.84
CA LEU A 245 13.63 3.07 -6.92
C LEU A 245 14.13 1.86 -6.15
N ALA A 246 14.82 0.96 -6.83
CA ALA A 246 15.35 -0.24 -6.20
C ALA A 246 16.31 0.05 -5.06
N THR A 247 17.07 1.15 -5.17
CA THR A 247 18.08 1.46 -4.17
C THR A 247 17.56 2.35 -3.03
N ASN A 248 16.33 2.83 -3.19
CA ASN A 248 15.73 3.74 -2.21
C ASN A 248 15.20 3.05 -0.96
N GLU A 249 15.33 3.72 0.18
CA GLU A 249 14.88 3.22 1.47
C GLU A 249 13.42 2.77 1.53
N TYR A 250 12.53 3.40 0.74
CA TYR A 250 11.12 2.99 0.73
C TYR A 250 10.68 2.34 -0.57
N ALA A 251 11.13 2.87 -1.70
CA ALA A 251 10.63 2.39 -2.98
C ALA A 251 11.15 0.98 -3.28
N ASN A 252 12.15 0.51 -2.54
CA ASN A 252 12.60 -0.85 -2.79
C ASN A 252 11.47 -1.87 -2.54
N TYR A 253 10.53 -1.51 -1.68
CA TYR A 253 9.38 -2.40 -1.42
C TYR A 253 8.48 -2.51 -2.64
N ILE A 254 8.38 -1.43 -3.40
CA ILE A 254 7.56 -1.46 -4.61
C ILE A 254 8.21 -2.41 -5.62
N ILE A 255 9.51 -2.23 -5.81
CA ILE A 255 10.21 -3.04 -6.79
C ILE A 255 10.13 -4.51 -6.37
N GLN A 256 10.31 -4.76 -5.07
CA GLN A 256 10.16 -6.13 -4.59
C GLN A 256 8.77 -6.69 -4.83
N HIS A 257 7.75 -5.86 -4.61
CA HIS A 257 6.39 -6.33 -4.84
C HIS A 257 6.22 -6.79 -6.29
N ILE A 258 6.69 -5.98 -7.23
CA ILE A 258 6.54 -6.31 -8.65
C ILE A 258 7.29 -7.59 -9.00
N VAL A 259 8.56 -7.67 -8.59
CA VAL A 259 9.39 -8.84 -8.89
C VAL A 259 8.79 -10.14 -8.28
N SER A 260 8.20 -10.03 -7.11
CA SER A 260 7.69 -11.19 -6.39
C SER A 260 6.35 -11.71 -6.87
N ASN A 261 5.61 -10.88 -7.59
CA ASN A 261 4.24 -11.25 -7.95
C ASN A 261 4.14 -11.90 -9.34
N ASP A 262 3.77 -13.18 -9.38
CA ASP A 262 3.63 -13.91 -10.63
C ASP A 262 2.64 -13.24 -11.57
N ASP A 263 1.62 -12.59 -11.02
CA ASP A 263 0.66 -11.87 -11.85
C ASP A 263 1.24 -10.61 -12.50
N LEU A 264 2.49 -10.27 -12.15
CA LEU A 264 3.19 -9.17 -12.79
C LEU A 264 4.43 -9.67 -13.53
N ALA A 265 4.41 -10.93 -13.96
CA ALA A 265 5.60 -11.61 -14.50
C ALA A 265 6.28 -10.84 -15.62
N VAL A 266 5.51 -10.32 -16.58
CA VAL A 266 6.11 -9.57 -17.68
C VAL A 266 6.88 -8.33 -17.17
N TYR A 267 6.38 -7.69 -16.13
CA TYR A 267 7.06 -6.53 -15.56
C TYR A 267 8.25 -6.91 -14.66
N ARG A 268 8.13 -8.02 -13.97
CA ARG A 268 9.26 -8.59 -13.27
C ARG A 268 10.45 -8.76 -14.25
N GLU A 269 10.17 -9.27 -15.44
CA GLU A 269 11.26 -9.52 -16.38
C GLU A 269 11.90 -8.24 -16.89
N CYS A 270 11.08 -7.23 -17.15
CA CYS A 270 11.56 -5.91 -17.57
C CYS A 270 12.52 -5.35 -16.52
N ILE A 271 12.10 -5.43 -15.27
CA ILE A 271 12.89 -4.87 -14.19
C ILE A 271 14.23 -5.56 -14.07
N ILE A 272 14.21 -6.88 -14.09
CA ILE A 272 15.46 -7.63 -14.00
C ILE A 272 16.40 -7.28 -15.16
N GLU A 273 15.88 -7.24 -16.38
CA GLU A 273 16.69 -6.88 -17.55
C GLU A 273 17.19 -5.42 -17.48
N LYS A 274 16.33 -4.53 -17.01
CA LYS A 274 16.55 -3.09 -17.07
C LYS A 274 17.57 -2.55 -16.09
N CYS A 275 17.52 -3.02 -14.84
CA CYS A 275 18.43 -2.46 -13.87
C CYS A 275 19.18 -3.48 -13.01
N LEU A 276 18.75 -4.74 -12.99
CA LEU A 276 19.47 -5.70 -12.14
C LEU A 276 20.60 -6.40 -12.88
N MET A 277 20.33 -6.88 -14.08
CA MET A 277 21.34 -7.64 -14.84
C MET A 277 22.55 -6.77 -15.07
N ARG A 278 23.74 -7.36 -14.91
CA ARG A 278 25.03 -6.67 -15.04
C ARG A 278 25.37 -5.76 -13.83
N ASN A 279 24.41 -5.64 -12.90
CA ASN A 279 24.64 -4.83 -11.71
C ASN A 279 24.48 -5.63 -10.43
N LEU A 280 24.49 -6.96 -10.54
CA LEU A 280 24.13 -7.80 -9.39
C LEU A 280 25.16 -7.68 -8.27
N LEU A 281 26.45 -7.67 -8.60
CA LEU A 281 27.49 -7.56 -7.59
C LEU A 281 27.33 -6.26 -6.83
N SER A 282 27.15 -5.17 -7.55
CA SER A 282 27.03 -3.88 -6.94
C SER A 282 25.78 -3.79 -6.06
N LEU A 283 24.64 -4.23 -6.59
CA LEU A 283 23.35 -4.08 -5.89
C LEU A 283 23.27 -4.99 -4.68
N SER A 284 24.00 -6.10 -4.74
CA SER A 284 23.99 -7.04 -3.62
C SER A 284 24.71 -6.46 -2.42
N GLN A 285 25.52 -5.42 -2.65
CA GLN A 285 26.24 -4.77 -1.57
C GLN A 285 25.51 -3.54 -1.04
N GLU A 286 24.29 -3.31 -1.50
CA GLU A 286 23.48 -2.18 -1.04
C GLU A 286 22.47 -2.59 0.02
N LYS A 287 22.29 -1.74 1.01
CA LYS A 287 21.39 -2.06 2.11
C LYS A 287 19.98 -2.35 1.61
N PHE A 288 19.44 -1.49 0.76
CA PHE A 288 18.06 -1.66 0.29
C PHE A 288 17.96 -2.56 -0.93
N ALA A 289 18.80 -2.32 -1.93
CA ALA A 289 18.68 -3.12 -3.16
C ALA A 289 19.02 -4.59 -2.99
N SER A 290 19.76 -4.95 -1.93
CA SER A 290 20.12 -6.35 -1.75
C SER A 290 18.86 -7.21 -1.60
N HIS A 291 17.83 -6.65 -0.96
CA HIS A 291 16.56 -7.35 -0.85
C HIS A 291 15.88 -7.55 -2.21
N VAL A 292 16.04 -6.57 -3.11
CA VAL A 292 15.51 -6.69 -4.46
C VAL A 292 16.24 -7.77 -5.22
N VAL A 293 17.56 -7.84 -5.05
CA VAL A 293 18.33 -8.90 -5.68
C VAL A 293 17.86 -10.30 -5.20
N GLU A 294 17.62 -10.45 -3.90
CA GLU A 294 17.10 -11.74 -3.42
C GLU A 294 15.77 -12.09 -4.09
N LYS A 295 14.83 -11.13 -4.12
CA LYS A 295 13.54 -11.40 -4.78
C LYS A 295 13.74 -11.81 -6.24
N ALA A 296 14.67 -11.18 -6.94
CA ALA A 296 14.93 -11.54 -8.34
C ALA A 296 15.41 -13.01 -8.48
N PHE A 297 16.35 -13.40 -7.63
CA PHE A 297 16.80 -14.80 -7.64
C PHE A 297 15.65 -15.74 -7.37
N LEU A 298 14.83 -15.41 -6.37
CA LEU A 298 13.73 -16.27 -5.95
C LEU A 298 12.67 -16.44 -7.03
N HIS A 299 12.45 -15.40 -7.83
CA HIS A 299 11.30 -15.40 -8.72
C HIS A 299 11.60 -15.30 -10.21
N ALA A 300 12.87 -15.14 -10.57
CA ALA A 300 13.20 -15.04 -11.99
C ALA A 300 12.82 -16.32 -12.72
N PRO A 301 12.30 -16.17 -13.95
CA PRO A 301 12.09 -17.35 -14.79
C PRO A 301 13.44 -18.02 -15.05
N LEU A 302 13.41 -19.32 -15.29
CA LEU A 302 14.63 -20.12 -15.47
C LEU A 302 15.73 -19.54 -16.36
N GLU A 303 15.38 -19.03 -17.54
CA GLU A 303 16.40 -18.54 -18.45
C GLU A 303 17.12 -17.30 -17.89
N LEU A 304 16.38 -16.45 -17.21
CA LEU A 304 16.98 -15.29 -16.56
C LEU A 304 17.73 -15.68 -15.30
N LEU A 305 17.20 -16.64 -14.55
CA LEU A 305 17.90 -17.11 -13.37
C LEU A 305 19.27 -17.65 -13.77
N ALA A 306 19.34 -18.36 -14.89
CA ALA A 306 20.61 -18.90 -15.35
C ALA A 306 21.60 -17.79 -15.67
N GLU A 307 21.10 -16.71 -16.28
CA GLU A 307 21.94 -15.54 -16.57
C GLU A 307 22.43 -14.90 -15.29
N MET A 308 21.54 -14.78 -14.31
CA MET A 308 21.92 -14.23 -13.00
C MET A 308 22.99 -15.08 -12.31
N MET A 309 22.80 -16.40 -12.31
CA MET A 309 23.78 -17.28 -11.67
C MET A 309 25.12 -17.16 -12.38
N ASP A 310 25.09 -17.16 -13.71
CA ASP A 310 26.29 -17.05 -14.53
C ASP A 310 27.03 -15.74 -14.26
N GLU A 311 26.27 -14.69 -13.99
CA GLU A 311 26.88 -13.40 -13.68
C GLU A 311 27.66 -13.45 -12.38
N ILE A 312 27.09 -14.08 -11.35
CA ILE A 312 27.81 -14.16 -10.08
C ILE A 312 29.03 -15.07 -10.21
N PHE A 313 28.86 -16.24 -10.84
CA PHE A 313 29.96 -17.20 -10.93
C PHE A 313 31.08 -16.79 -11.91
N ASP A 314 30.71 -16.07 -12.97
CA ASP A 314 31.64 -15.84 -14.07
C ASP A 314 31.56 -14.44 -14.71
N GLY A 315 30.73 -13.57 -14.15
CA GLY A 315 30.49 -12.27 -14.76
C GLY A 315 31.53 -11.19 -14.46
N TYR A 316 32.41 -11.45 -13.51
CA TYR A 316 33.32 -10.41 -13.03
C TYR A 316 34.77 -10.88 -13.02
N ILE A 317 35.68 -9.97 -13.33
CA ILE A 317 37.11 -10.28 -13.27
C ILE A 317 37.59 -10.20 -11.83
N PRO A 318 38.23 -11.26 -11.32
CA PRO A 318 38.74 -11.26 -9.95
C PRO A 318 39.78 -10.18 -9.71
N HIS A 319 39.98 -9.77 -8.47
CA HIS A 319 41.00 -8.77 -8.13
C HIS A 319 42.38 -9.14 -8.69
N PRO A 320 43.04 -8.19 -9.36
CA PRO A 320 44.32 -8.47 -10.04
C PRO A 320 45.44 -8.87 -9.11
N ASP A 321 45.36 -8.49 -7.84
CA ASP A 321 46.41 -8.84 -6.89
C ASP A 321 46.05 -10.07 -6.07
N THR A 322 44.86 -10.06 -5.48
CA THR A 322 44.48 -11.10 -4.52
C THR A 322 43.75 -12.29 -5.14
N GLY A 323 43.19 -12.13 -6.34
CA GLY A 323 42.38 -13.19 -6.92
C GLY A 323 41.00 -13.33 -6.26
N LYS A 324 40.65 -12.42 -5.37
CA LYS A 324 39.29 -12.45 -4.81
C LYS A 324 38.24 -12.25 -5.91
N ASP A 325 37.20 -13.09 -5.92
CA ASP A 325 36.18 -12.93 -6.95
C ASP A 325 34.85 -12.43 -6.37
N ALA A 326 33.83 -12.31 -7.22
CA ALA A 326 32.53 -11.78 -6.77
C ALA A 326 31.92 -12.63 -5.66
N LEU A 327 32.03 -13.94 -5.78
CA LEU A 327 31.50 -14.82 -4.76
C LEU A 327 32.22 -14.60 -3.42
N ASP A 328 33.54 -14.45 -3.47
CA ASP A 328 34.31 -14.15 -2.26
C ASP A 328 33.81 -12.86 -1.63
N ILE A 329 33.62 -11.83 -2.44
CA ILE A 329 33.19 -10.55 -1.90
C ILE A 329 31.81 -10.69 -1.27
N MET A 330 30.90 -11.34 -1.98
CA MET A 330 29.52 -11.39 -1.52
C MET A 330 29.34 -12.24 -0.25
N MET A 331 30.05 -13.36 -0.19
CA MET A 331 29.94 -14.27 0.96
C MET A 331 30.29 -13.61 2.26
N PHE A 332 31.23 -12.67 2.22
CA PHE A 332 31.66 -12.01 3.44
C PHE A 332 31.17 -10.57 3.58
N HIS A 333 30.31 -10.14 2.66
CA HIS A 333 29.78 -8.77 2.76
C HIS A 333 28.61 -8.66 3.71
N GLN A 334 28.47 -7.53 4.40
CA GLN A 334 27.41 -7.35 5.39
C GLN A 334 26.00 -7.51 4.81
N PHE A 335 25.82 -7.20 3.53
CA PHE A 335 24.54 -7.42 2.87
C PHE A 335 24.59 -8.53 1.83
N GLY A 336 25.70 -8.59 1.11
CA GLY A 336 25.86 -9.59 0.06
C GLY A 336 25.73 -11.02 0.58
N ASN A 337 26.10 -11.25 1.84
CA ASN A 337 26.04 -12.62 2.37
C ASN A 337 24.62 -13.23 2.30
N TYR A 338 23.61 -12.37 2.44
CA TYR A 338 22.23 -12.83 2.38
C TYR A 338 21.83 -13.24 0.96
N VAL A 339 22.42 -12.58 -0.02
CA VAL A 339 22.15 -12.91 -1.41
C VAL A 339 22.73 -14.30 -1.74
N VAL A 340 23.96 -14.55 -1.30
CA VAL A 340 24.55 -15.87 -1.53
C VAL A 340 23.75 -16.97 -0.79
N GLN A 341 23.28 -16.68 0.42
CA GLN A 341 22.45 -17.66 1.14
C GLN A 341 21.20 -17.99 0.33
N CYS A 342 20.61 -16.96 -0.27
CA CYS A 342 19.41 -17.11 -1.08
C CYS A 342 19.73 -18.01 -2.30
N MET A 343 20.85 -17.76 -2.96
CA MET A 343 21.26 -18.61 -4.08
C MET A 343 21.37 -20.07 -3.68
N LEU A 344 22.02 -20.32 -2.54
CA LEU A 344 22.23 -21.67 -2.07
C LEU A 344 20.91 -22.37 -1.72
N THR A 345 20.03 -21.64 -1.05
CA THR A 345 18.75 -22.21 -0.63
C THR A 345 17.90 -22.58 -1.86
N ILE A 346 17.94 -21.73 -2.87
CA ILE A 346 17.24 -22.01 -4.13
C ILE A 346 17.74 -23.32 -4.74
N CYS A 347 19.06 -23.46 -4.83
CA CYS A 347 19.64 -24.68 -5.41
C CYS A 347 19.34 -25.92 -4.58
N CYS A 348 19.40 -25.81 -3.26
CA CYS A 348 19.08 -26.96 -2.40
C CYS A 348 17.59 -27.31 -2.53
N ASP A 349 16.73 -26.29 -2.62
CA ASP A 349 15.29 -26.54 -2.76
C ASP A 349 15.04 -27.27 -4.07
N ALA A 350 15.71 -26.85 -5.13
CA ALA A 350 15.51 -27.47 -6.45
C ALA A 350 15.96 -28.93 -6.46
N VAL A 351 17.14 -29.22 -5.92
CA VAL A 351 17.66 -30.60 -5.97
C VAL A 351 16.94 -31.55 -5.03
N SER A 352 16.33 -31.01 -3.98
CA SER A 352 15.61 -31.82 -3.01
C SER A 352 14.14 -31.96 -3.40
N GLY A 353 13.73 -31.28 -4.47
CA GLY A 353 12.36 -31.37 -4.95
C GLY A 353 11.34 -30.47 -4.27
N ARG A 354 11.81 -29.50 -3.47
CA ARG A 354 10.90 -28.55 -2.85
C ARG A 354 10.54 -27.45 -3.85
N ARG A 355 11.31 -27.38 -4.93
CA ARG A 355 11.12 -26.37 -5.97
C ARG A 355 11.06 -27.03 -7.36
N GLN A 356 10.05 -26.66 -8.14
CA GLN A 356 9.83 -27.23 -9.47
C GLN A 356 10.95 -26.84 -10.43
N THR A 357 11.53 -27.82 -11.11
CA THR A 357 12.66 -27.54 -12.01
C THR A 357 12.27 -27.51 -13.48
N LYS A 358 11.05 -27.95 -13.78
CA LYS A 358 10.55 -27.92 -15.16
C LYS A 358 9.97 -26.54 -15.50
N GLU A 359 10.31 -26.05 -16.67
CA GLU A 359 9.85 -24.76 -17.15
C GLU A 359 10.42 -24.59 -18.54
N GLY A 360 9.68 -23.93 -19.42
CA GLY A 360 10.12 -23.69 -20.78
C GLY A 360 10.32 -24.93 -21.63
N GLY A 361 9.56 -25.99 -21.34
CA GLY A 361 9.62 -27.22 -22.12
C GLY A 361 10.82 -28.07 -21.77
N TYR A 362 11.42 -27.82 -20.60
CA TYR A 362 12.59 -28.58 -20.19
C TYR A 362 12.68 -28.68 -18.66
N ASP A 363 13.27 -29.78 -18.19
CA ASP A 363 13.58 -29.96 -16.77
C ASP A 363 15.01 -29.45 -16.56
N HIS A 364 15.14 -28.33 -15.85
CA HIS A 364 16.43 -27.68 -15.67
C HIS A 364 17.19 -28.19 -14.46
N ALA A 365 16.82 -29.36 -13.95
CA ALA A 365 17.48 -29.89 -12.76
C ALA A 365 19.00 -29.86 -12.89
N ILE A 366 19.48 -30.20 -14.08
CA ILE A 366 20.90 -30.22 -14.38
C ILE A 366 21.58 -28.87 -14.11
N SER A 367 20.86 -27.78 -14.38
CA SER A 367 21.42 -26.45 -14.12
C SER A 367 21.56 -26.20 -12.63
N PHE A 368 20.54 -26.54 -11.86
CA PHE A 368 20.59 -26.37 -10.41
C PHE A 368 21.68 -27.22 -9.76
N GLN A 369 21.85 -28.43 -10.26
CA GLN A 369 22.91 -29.30 -9.76
C GLN A 369 24.30 -28.70 -10.01
N ASP A 370 24.43 -28.06 -11.17
CA ASP A 370 25.70 -27.42 -11.56
C ASP A 370 25.98 -26.25 -10.60
N TRP A 371 25.00 -25.37 -10.42
CA TRP A 371 25.21 -24.24 -9.51
C TRP A 371 25.46 -24.70 -8.08
N LEU A 372 24.75 -25.73 -7.65
CA LEU A 372 24.93 -26.26 -6.31
C LEU A 372 26.36 -26.76 -6.11
N LYS A 373 26.87 -27.50 -7.09
CA LYS A 373 28.24 -28.01 -7.00
C LYS A 373 29.26 -26.90 -6.90
N LYS A 374 29.02 -25.79 -7.59
CA LYS A 374 29.95 -24.67 -7.50
C LYS A 374 29.92 -24.07 -6.11
N LEU A 375 28.72 -23.86 -5.58
CA LEU A 375 28.59 -23.33 -4.24
C LEU A 375 29.17 -24.29 -3.20
N HIS A 376 28.93 -25.59 -3.39
CA HIS A 376 29.42 -26.57 -2.41
C HIS A 376 30.95 -26.59 -2.42
N SER A 377 31.52 -26.50 -3.60
CA SER A 377 32.96 -26.51 -3.73
C SER A 377 33.60 -25.26 -3.08
N ARG A 378 32.99 -24.10 -3.26
CA ARG A 378 33.49 -22.87 -2.63
C ARG A 378 33.36 -22.98 -1.11
N VAL A 379 32.21 -23.43 -0.64
CA VAL A 379 31.97 -23.47 0.80
C VAL A 379 32.93 -24.46 1.46
N THR A 380 33.19 -25.58 0.78
CA THR A 380 34.15 -26.57 1.25
C THR A 380 35.54 -25.97 1.35
N LYS A 381 36.00 -25.33 0.29
CA LYS A 381 37.33 -24.73 0.27
C LYS A 381 37.51 -23.64 1.33
N GLU A 382 36.47 -22.84 1.54
CA GLU A 382 36.55 -21.69 2.44
C GLU A 382 35.89 -21.95 3.80
N ARG A 383 35.74 -23.22 4.14
CA ARG A 383 35.01 -23.59 5.34
C ARG A 383 35.54 -22.92 6.61
N HIS A 384 36.86 -22.81 6.73
CA HIS A 384 37.44 -22.22 7.94
C HIS A 384 37.09 -20.77 8.13
N ARG A 385 37.29 -19.95 7.10
CA ARG A 385 36.86 -18.57 7.21
C ARG A 385 35.34 -18.43 7.38
N LEU A 386 34.57 -19.21 6.64
CA LEU A 386 33.12 -19.07 6.69
C LEU A 386 32.59 -19.41 8.08
N SER A 387 33.23 -20.35 8.75
CA SER A 387 32.75 -20.83 10.05
C SER A 387 32.91 -19.76 11.14
N ARG A 388 33.64 -18.70 10.83
CA ARG A 388 33.76 -17.53 11.73
C ARG A 388 32.47 -16.71 11.81
N PHE A 389 31.59 -16.87 10.83
CA PHE A 389 30.41 -16.01 10.69
C PHE A 389 29.11 -16.78 10.76
N SER A 390 28.08 -16.16 11.34
CA SER A 390 26.75 -16.78 11.36
C SER A 390 26.30 -17.20 9.95
N SER A 391 26.51 -16.33 8.98
CA SER A 391 26.08 -16.60 7.59
C SER A 391 26.79 -17.84 7.04
N GLY A 392 28.08 -17.95 7.34
CA GLY A 392 28.85 -19.09 6.88
C GLY A 392 28.44 -20.38 7.56
N LYS A 393 28.22 -20.35 8.87
CA LYS A 393 27.70 -21.53 9.57
C LYS A 393 26.37 -21.94 8.97
N LYS A 394 25.55 -20.96 8.61
CA LYS A 394 24.25 -21.27 8.05
C LYS A 394 24.35 -22.01 6.71
N MET A 395 25.28 -21.61 5.85
CA MET A 395 25.46 -22.26 4.55
C MET A 395 26.02 -23.67 4.72
N ILE A 396 26.94 -23.81 5.66
CA ILE A 396 27.53 -25.11 5.95
C ILE A 396 26.43 -26.06 6.43
N GLU A 397 25.55 -25.54 7.29
CA GLU A 397 24.43 -26.33 7.81
C GLU A 397 23.43 -26.67 6.70
N THR A 398 23.16 -25.71 5.83
CA THR A 398 22.26 -25.92 4.71
C THR A 398 22.76 -27.09 3.84
N LEU A 399 24.06 -27.09 3.53
CA LEU A 399 24.62 -28.17 2.72
C LEU A 399 24.63 -29.49 3.47
N ALA A 400 24.90 -29.44 4.78
CA ALA A 400 24.86 -30.64 5.61
C ALA A 400 23.47 -31.27 5.64
N ASN A 401 22.44 -30.44 5.80
CA ASN A 401 21.06 -30.93 5.84
C ASN A 401 20.63 -31.57 4.52
N LEU A 402 21.21 -31.11 3.42
CA LEU A 402 20.88 -31.66 2.11
C LEU A 402 21.38 -33.10 1.99
N ARG A 403 22.63 -33.32 2.38
CA ARG A 403 23.21 -34.67 2.39
C ARG A 403 22.32 -35.64 3.15
N SER A 404 21.72 -35.15 4.23
CA SER A 404 20.83 -35.97 5.05
C SER A 404 19.48 -36.21 4.34
#